data_7OSX
#
_entry.id   7OSX
#
_cell.length_a   45.370
_cell.length_b   68.760
_cell.length_c   161.070
_cell.angle_alpha   90.000
_cell.angle_beta   90.000
_cell.angle_gamma   90.000
#
_symmetry.space_group_name_H-M   'P 21 21 21'
#
loop_
_entity.id
_entity.type
_entity.pdbx_description
1 polymer 'Protein mono-ADP-ribosyltransferase PARP15'
2 non-polymer 8-oxidanyl-4~{H}-thieno[2,3-c]isoquinolin-5-one
3 non-polymer 'DIMETHYL SULFOXIDE'
4 water water
#
_entity_poly.entity_id   1
_entity_poly.type   'polypeptide(L)'
_entity_poly.pdbx_seq_one_letter_code
;MHHHHHHSSGVDLGTENLYFQSMNLPEHWTDMNHQLFCMVQLEPGQSEYNTIKDKFTRTCSSYAIEKIERIQNAFLWQSY
QVKKRQMDIKNDHKNNERLLFHGTDADSVPYVNQHGFNRSCAGKNAVSYGKGTYFAVDASYSAKDTYSKPDSNGRKHMYV
VRVLTGVFTKGRAGLVTPPPKNPHNPTDLFDSVTNNTRSPKLFVVFFDNQAYPEYLITFTA
;
_entity_poly.pdbx_strand_id   A,B
#
# COMPACT_ATOMS: atom_id res chain seq x y z
N LEU A 25 -13.12 -1.77 15.93
CA LEU A 25 -13.63 -0.41 15.52
C LEU A 25 -13.75 0.48 16.76
N PRO A 26 -13.16 1.69 16.75
CA PRO A 26 -12.99 2.51 17.96
C PRO A 26 -14.29 2.89 18.69
N GLU A 27 -14.14 3.29 19.95
CA GLU A 27 -15.25 3.66 20.88
C GLU A 27 -16.06 4.84 20.31
N HIS A 28 -15.38 5.96 20.04
CA HIS A 28 -15.96 7.27 19.62
C HIS A 28 -16.72 7.16 18.29
N TRP A 29 -16.49 6.11 17.50
CA TRP A 29 -17.35 5.80 16.32
C TRP A 29 -18.76 5.52 16.81
N THR A 30 -19.73 5.84 15.98
CA THR A 30 -21.16 5.55 16.26
C THR A 30 -21.56 4.38 15.39
N ASP A 31 -22.63 3.70 15.81
CA ASP A 31 -23.13 2.44 15.21
C ASP A 31 -23.30 2.63 13.71
N MET A 32 -22.98 1.62 12.92
CA MET A 32 -23.03 1.69 11.44
C MET A 32 -24.07 0.74 10.84
N ASN A 33 -24.95 0.17 11.67
CA ASN A 33 -25.99 -0.79 11.21
C ASN A 33 -25.34 -1.82 10.28
N HIS A 34 -24.21 -2.40 10.67
CA HIS A 34 -23.52 -3.51 9.95
C HIS A 34 -22.97 -3.05 8.60
N GLN A 35 -22.83 -1.74 8.35
CA GLN A 35 -22.12 -1.16 7.18
C GLN A 35 -20.62 -1.04 7.53
N LEU A 36 -19.76 -0.98 6.52
CA LEU A 36 -18.27 -0.95 6.71
C LEU A 36 -17.72 0.47 6.43
N PHE A 37 -18.54 1.38 5.91
CA PHE A 37 -18.13 2.77 5.61
C PHE A 37 -19.30 3.71 5.92
N CYS A 38 -19.04 4.76 6.69
CA CYS A 38 -19.98 5.89 6.77
CA CYS A 38 -20.01 5.86 6.92
C CYS A 38 -19.24 7.15 7.18
N MET A 39 -19.76 8.27 6.70
CA MET A 39 -19.29 9.63 7.06
C MET A 39 -20.30 10.16 8.07
N VAL A 40 -19.85 10.58 9.24
CA VAL A 40 -20.77 10.99 10.33
C VAL A 40 -20.54 12.47 10.61
N GLN A 41 -21.54 13.31 10.39
CA GLN A 41 -21.39 14.76 10.68
C GLN A 41 -21.36 14.94 12.19
N LEU A 42 -20.35 15.67 12.69
CA LEU A 42 -20.25 15.92 14.14
C LEU A 42 -21.21 17.03 14.54
N GLU A 43 -21.66 16.93 15.79
CA GLU A 43 -22.57 17.88 16.46
C GLU A 43 -21.69 19.03 16.92
N PRO A 44 -21.86 20.26 16.39
CA PRO A 44 -21.11 21.41 16.89
C PRO A 44 -21.28 21.59 18.41
N GLY A 45 -20.20 21.98 19.07
CA GLY A 45 -20.20 22.32 20.51
C GLY A 45 -20.06 21.10 21.40
N GLN A 46 -20.05 19.88 20.87
CA GLN A 46 -19.71 18.70 21.69
C GLN A 46 -18.19 18.50 21.62
N SER A 47 -17.66 17.73 22.55
CA SER A 47 -16.20 17.63 22.84
C SER A 47 -15.41 17.26 21.58
N GLU A 48 -15.87 16.27 20.83
CA GLU A 48 -15.12 15.76 19.65
C GLU A 48 -15.00 16.87 18.60
N TYR A 49 -16.11 17.51 18.27
CA TYR A 49 -16.13 18.62 17.28
C TYR A 49 -15.20 19.74 17.78
N ASN A 50 -15.35 20.12 19.05
CA ASN A 50 -14.54 21.23 19.60
C ASN A 50 -13.05 20.91 19.51
N THR A 51 -12.65 19.68 19.80
CA THR A 51 -11.24 19.24 19.77
C THR A 51 -10.68 19.38 18.35
N ILE A 52 -11.43 18.93 17.34
CA ILE A 52 -10.95 18.96 15.93
C ILE A 52 -10.95 20.41 15.46
N LYS A 53 -11.99 21.16 15.80
CA LYS A 53 -12.11 22.58 15.41
C LYS A 53 -10.91 23.34 15.97
N ASP A 54 -10.55 23.09 17.23
CA ASP A 54 -9.41 23.79 17.89
CA ASP A 54 -9.42 23.80 17.89
C ASP A 54 -8.10 23.50 17.14
N LYS A 55 -7.91 22.26 16.67
CA LYS A 55 -6.64 21.87 16.00
C LYS A 55 -6.49 22.71 14.73
N PHE A 56 -7.60 22.92 14.04
CA PHE A 56 -7.70 23.75 12.82
C PHE A 56 -7.53 25.22 13.16
N THR A 57 -8.28 25.73 14.15
CA THR A 57 -8.33 27.19 14.41
C THR A 57 -7.01 27.66 15.04
N ARG A 58 -6.18 26.75 15.53
CA ARG A 58 -4.80 27.07 15.98
C ARG A 58 -4.09 27.93 14.91
N THR A 59 -4.23 27.60 13.63
CA THR A 59 -3.56 28.33 12.53
C THR A 59 -4.54 28.89 11.49
N CYS A 60 -5.84 28.58 11.53
CA CYS A 60 -6.82 28.94 10.49
C CYS A 60 -8.03 29.64 11.11
N SER A 61 -7.83 30.55 12.07
CA SER A 61 -8.94 31.18 12.83
C SER A 61 -9.74 32.13 11.93
N SER A 62 -9.22 32.55 10.76
CA SER A 62 -9.90 33.49 9.84
C SER A 62 -10.80 32.71 8.87
N TYR A 63 -10.73 31.37 8.92
CA TYR A 63 -11.54 30.51 8.03
C TYR A 63 -12.79 30.07 8.81
N ALA A 64 -13.93 30.00 8.12
CA ALA A 64 -15.22 29.57 8.70
C ALA A 64 -15.47 28.08 8.42
N ILE A 65 -15.68 27.31 9.49
CA ILE A 65 -16.03 25.85 9.43
C ILE A 65 -17.52 25.71 9.12
N GLU A 66 -17.85 25.04 8.01
CA GLU A 66 -19.25 24.69 7.66
CA GLU A 66 -19.24 24.68 7.63
C GLU A 66 -19.62 23.37 8.35
N LYS A 67 -18.74 22.37 8.31
CA LYS A 67 -19.02 21.12 9.02
C LYS A 67 -17.74 20.33 9.21
N ILE A 68 -17.78 19.43 10.17
CA ILE A 68 -16.69 18.44 10.39
C ILE A 68 -17.33 17.06 10.39
N GLU A 69 -16.80 16.13 9.59
CA GLU A 69 -17.34 14.77 9.48
C GLU A 69 -16.30 13.77 9.97
N ARG A 70 -16.76 12.78 10.72
CA ARG A 70 -15.90 11.66 11.19
C ARG A 70 -15.92 10.63 10.08
N ILE A 71 -14.75 10.20 9.63
CA ILE A 71 -14.64 9.14 8.58
C ILE A 71 -14.58 7.78 9.29
N GLN A 72 -15.57 6.93 9.06
CA GLN A 72 -15.66 5.58 9.66
C GLN A 72 -15.48 4.57 8.53
N ASN A 73 -14.23 4.23 8.24
CA ASN A 73 -13.85 3.31 7.14
C ASN A 73 -13.21 2.09 7.81
N ALA A 74 -13.98 1.03 8.03
CA ALA A 74 -13.53 -0.15 8.80
C ALA A 74 -12.29 -0.77 8.13
N PHE A 75 -12.30 -0.96 6.82
CA PHE A 75 -11.16 -1.62 6.12
C PHE A 75 -9.89 -0.77 6.23
N LEU A 76 -9.97 0.53 5.94
CA LEU A 76 -8.78 1.42 6.03
C LEU A 76 -8.28 1.42 7.47
N TRP A 77 -9.18 1.46 8.44
CA TRP A 77 -8.80 1.49 9.86
C TRP A 77 -8.03 0.21 10.19
N GLN A 78 -8.57 -0.96 9.82
CA GLN A 78 -7.94 -2.28 10.10
CA GLN A 78 -7.92 -2.25 10.15
C GLN A 78 -6.50 -2.29 9.55
N SER A 79 -6.36 -1.92 8.27
CA SER A 79 -5.05 -1.93 7.57
C SER A 79 -4.06 -0.98 8.24
N TYR A 80 -4.54 0.22 8.62
CA TYR A 80 -3.73 1.23 9.33
C TYR A 80 -3.31 0.71 10.71
N GLN A 81 -4.24 0.14 11.49
CA GLN A 81 -3.92 -0.36 12.85
C GLN A 81 -2.90 -1.50 12.78
N VAL A 82 -2.97 -2.33 11.75
CA VAL A 82 -1.95 -3.39 11.57
C VAL A 82 -0.58 -2.77 11.35
N LYS A 83 -0.48 -1.76 10.49
CA LYS A 83 0.80 -1.06 10.23
CA LYS A 83 0.80 -1.04 10.23
C LYS A 83 1.27 -0.39 11.53
N LYS A 84 0.36 0.18 12.32
CA LYS A 84 0.74 0.83 13.60
C LYS A 84 1.35 -0.23 14.54
N ARG A 85 0.67 -1.37 14.74
CA ARG A 85 1.17 -2.43 15.64
CA ARG A 85 1.15 -2.47 15.61
C ARG A 85 2.57 -2.87 15.16
N GLN A 86 2.78 -2.97 13.85
CA GLN A 86 4.07 -3.39 13.25
C GLN A 86 5.14 -2.34 13.52
N MET A 87 4.80 -1.08 13.33
CA MET A 87 5.78 0.02 13.54
C MET A 87 6.12 0.13 15.02
N ASP A 88 5.15 -0.06 15.90
CA ASP A 88 5.37 -0.07 17.37
C ASP A 88 6.40 -1.16 17.72
N ILE A 89 6.30 -2.34 17.12
CA ILE A 89 7.26 -3.46 17.37
C ILE A 89 8.64 -3.10 16.77
N LYS A 90 8.67 -2.73 15.50
CA LYS A 90 9.89 -2.42 14.71
C LYS A 90 10.72 -1.36 15.44
N ASN A 91 10.08 -0.29 15.90
CA ASN A 91 10.76 0.89 16.47
C ASN A 91 11.00 0.70 17.97
N ASP A 92 10.41 -0.35 18.57
CA ASP A 92 10.68 -0.77 19.98
C ASP A 92 10.12 0.30 20.92
N HIS A 93 8.80 0.34 21.07
CA HIS A 93 7.99 1.41 21.72
C HIS A 93 7.86 2.57 20.73
N LYS A 94 8.21 3.79 21.17
CA LYS A 94 8.13 5.08 20.43
C LYS A 94 6.65 5.47 20.18
N ASN A 95 6.39 6.78 20.22
CA ASN A 95 5.18 7.42 19.67
C ASN A 95 5.39 7.53 18.16
N ASN A 96 4.74 6.67 17.37
CA ASN A 96 5.00 6.64 15.90
C ASN A 96 3.95 7.42 15.13
N GLU A 97 2.92 7.93 15.82
CA GLU A 97 1.73 8.56 15.21
C GLU A 97 1.73 10.07 15.43
N ARG A 98 1.38 10.83 14.39
CA ARG A 98 1.16 12.30 14.44
C ARG A 98 -0.20 12.58 13.81
N LEU A 99 -0.87 13.63 14.28
CA LEU A 99 -2.14 14.11 13.66
C LEU A 99 -1.76 15.29 12.76
N LEU A 100 -1.96 15.12 11.46
CA LEU A 100 -1.53 16.07 10.43
C LEU A 100 -2.70 16.43 9.53
N PHE A 101 -2.50 17.38 8.62
CA PHE A 101 -3.54 17.91 7.73
C PHE A 101 -3.20 17.60 6.27
N HIS A 102 -4.24 17.43 5.48
CA HIS A 102 -4.10 17.22 4.03
C HIS A 102 -5.24 17.92 3.31
N GLY A 103 -4.93 18.99 2.58
CA GLY A 103 -5.90 19.70 1.73
C GLY A 103 -6.08 18.92 0.45
N THR A 104 -7.29 18.81 -0.04
CA THR A 104 -7.52 18.18 -1.36
C THR A 104 -8.65 18.89 -2.10
N ASP A 105 -8.70 18.68 -3.41
CA ASP A 105 -9.81 19.18 -4.27
C ASP A 105 -11.03 18.30 -4.00
N ALA A 106 -12.21 18.87 -4.21
CA ALA A 106 -13.51 18.23 -3.98
C ALA A 106 -13.60 16.94 -4.80
N ASP A 107 -13.02 16.91 -6.01
CA ASP A 107 -13.12 15.73 -6.91
C ASP A 107 -12.40 14.51 -6.29
N SER A 108 -11.42 14.69 -5.41
CA SER A 108 -10.64 13.58 -4.79
C SER A 108 -11.29 13.09 -3.48
N VAL A 109 -12.25 13.82 -2.92
CA VAL A 109 -12.80 13.51 -1.55
C VAL A 109 -13.49 12.14 -1.54
N PRO A 110 -14.34 11.75 -2.52
CA PRO A 110 -14.91 10.40 -2.48
C PRO A 110 -13.85 9.28 -2.50
N TYR A 111 -12.84 9.42 -3.35
CA TYR A 111 -11.75 8.41 -3.42
C TYR A 111 -11.05 8.33 -2.06
N VAL A 112 -10.67 9.47 -1.47
CA VAL A 112 -9.89 9.42 -0.20
C VAL A 112 -10.75 8.82 0.91
N ASN A 113 -12.02 9.20 0.99
CA ASN A 113 -12.93 8.67 2.03
C ASN A 113 -12.92 7.13 1.99
N GLN A 114 -12.95 6.56 0.80
CA GLN A 114 -13.13 5.11 0.59
C GLN A 114 -11.78 4.39 0.57
N HIS A 115 -10.75 5.01 -0.01
CA HIS A 115 -9.47 4.32 -0.35
C HIS A 115 -8.26 4.94 0.34
N GLY A 116 -8.41 6.07 1.02
CA GLY A 116 -7.28 6.75 1.67
C GLY A 116 -6.36 7.41 0.68
N PHE A 117 -5.09 7.54 1.03
CA PHE A 117 -4.14 8.40 0.30
C PHE A 117 -3.25 7.52 -0.59
N ASN A 118 -3.13 7.91 -1.86
CA ASN A 118 -2.46 7.09 -2.91
C ASN A 118 -1.36 7.91 -3.57
N ARG A 119 -0.10 7.50 -3.39
CA ARG A 119 1.06 8.24 -3.94
C ARG A 119 0.98 8.29 -5.46
N SER A 120 0.28 7.36 -6.11
CA SER A 120 0.24 7.25 -7.58
C SER A 120 -0.67 8.30 -8.20
N CYS A 121 -1.44 9.05 -7.41
CA CYS A 121 -2.51 9.98 -7.91
C CYS A 121 -1.96 11.40 -8.06
N VAL A 127 6.48 17.55 -5.59
CA VAL A 127 7.02 16.34 -4.92
C VAL A 127 8.53 16.53 -4.65
N SER A 128 8.85 17.70 -4.08
CA SER A 128 10.20 18.20 -3.72
C SER A 128 10.92 17.29 -2.73
N TYR A 129 10.19 16.54 -1.90
CA TYR A 129 10.80 15.74 -0.81
C TYR A 129 10.55 14.25 -1.04
N GLY A 130 10.09 13.90 -2.23
CA GLY A 130 9.88 12.49 -2.62
C GLY A 130 8.52 12.22 -3.20
N LYS A 131 8.40 11.09 -3.90
CA LYS A 131 7.14 10.68 -4.56
C LYS A 131 6.29 9.89 -3.55
N GLY A 132 5.71 10.61 -2.60
CA GLY A 132 4.80 10.04 -1.60
C GLY A 132 3.59 10.92 -1.43
N THR A 133 2.85 10.70 -0.36
CA THR A 133 1.70 11.55 0.05
CA THR A 133 1.72 11.58 0.01
C THR A 133 2.22 12.54 1.09
N TYR A 134 1.85 13.80 0.94
CA TYR A 134 2.30 14.94 1.79
C TYR A 134 1.23 15.28 2.83
N PHE A 135 1.69 15.54 4.05
CA PHE A 135 0.84 15.93 5.19
C PHE A 135 1.51 17.13 5.86
N ALA A 136 0.71 18.09 6.30
CA ALA A 136 1.20 19.33 6.91
C ALA A 136 1.00 19.28 8.41
N VAL A 137 1.91 19.92 9.13
CA VAL A 137 1.81 20.09 10.61
C VAL A 137 0.72 21.14 10.91
N ASP A 138 0.66 22.20 10.11
CA ASP A 138 -0.25 23.35 10.32
C ASP A 138 -1.38 23.29 9.29
N ALA A 139 -2.63 23.39 9.75
CA ALA A 139 -3.80 23.52 8.84
C ALA A 139 -3.57 24.66 7.85
N SER A 140 -2.97 25.77 8.28
CA SER A 140 -2.70 26.94 7.41
C SER A 140 -1.98 26.53 6.12
N TYR A 141 -1.08 25.54 6.18
CA TYR A 141 -0.29 25.09 4.99
C TYR A 141 -1.25 24.39 4.03
N SER A 142 -2.07 23.49 4.56
CA SER A 142 -3.05 22.70 3.78
C SER A 142 -4.19 23.58 3.29
N ALA A 143 -4.38 24.76 3.89
CA ALA A 143 -5.47 25.71 3.55
C ALA A 143 -5.13 26.51 2.28
N LYS A 144 -3.89 26.44 1.79
CA LYS A 144 -3.50 27.07 0.51
C LYS A 144 -4.44 26.56 -0.60
N ASP A 145 -4.90 27.45 -1.47
CA ASP A 145 -5.77 27.09 -2.61
C ASP A 145 -5.09 26.05 -3.51
N THR A 146 -3.76 25.98 -3.55
CA THR A 146 -3.00 24.96 -4.32
C THR A 146 -3.31 23.53 -3.82
N TYR A 147 -3.67 23.36 -2.54
CA TYR A 147 -3.95 22.02 -1.94
C TYR A 147 -5.46 21.86 -1.75
N SER A 148 -6.08 22.72 -0.95
CA SER A 148 -7.55 22.69 -0.71
C SER A 148 -8.23 23.60 -1.75
N LYS A 149 -8.26 23.17 -3.02
CA LYS A 149 -8.79 23.99 -4.14
C LYS A 149 -10.25 24.34 -3.84
N PRO A 150 -10.64 25.63 -3.81
CA PRO A 150 -12.04 25.98 -3.63
C PRO A 150 -12.90 25.43 -4.76
N ASP A 151 -14.05 24.82 -4.45
CA ASP A 151 -14.99 24.27 -5.46
C ASP A 151 -15.80 25.44 -6.04
N SER A 152 -16.73 25.17 -6.94
CA SER A 152 -17.53 26.21 -7.66
C SER A 152 -18.33 27.07 -6.68
N ASN A 153 -18.41 26.67 -5.40
CA ASN A 153 -19.17 27.37 -4.31
C ASN A 153 -18.23 28.04 -3.30
N GLY A 154 -16.90 27.98 -3.47
CA GLY A 154 -15.92 28.60 -2.55
C GLY A 154 -15.60 27.70 -1.36
N ARG A 155 -16.15 26.49 -1.35
CA ARG A 155 -15.92 25.50 -0.26
C ARG A 155 -14.57 24.81 -0.45
N LYS A 156 -13.80 24.75 0.61
CA LYS A 156 -12.47 24.09 0.62
C LYS A 156 -12.58 22.87 1.53
N HIS A 157 -11.73 21.86 1.29
CA HIS A 157 -11.80 20.56 2.01
C HIS A 157 -10.43 20.19 2.52
N MET A 158 -10.35 19.81 3.81
CA MET A 158 -9.08 19.41 4.42
C MET A 158 -9.35 18.24 5.35
N TYR A 159 -8.51 17.21 5.27
CA TYR A 159 -8.56 16.07 6.17
C TYR A 159 -7.67 16.31 7.37
N VAL A 160 -8.10 15.77 8.49
CA VAL A 160 -7.27 15.56 9.69
C VAL A 160 -6.91 14.08 9.65
N VAL A 161 -5.62 13.78 9.66
CA VAL A 161 -5.10 12.45 9.27
C VAL A 161 -4.24 11.90 10.40
N ARG A 162 -4.47 10.63 10.79
CA ARG A 162 -3.54 9.89 11.65
C ARG A 162 -2.42 9.39 10.75
N VAL A 163 -1.19 9.86 10.97
CA VAL A 163 -0.04 9.49 10.10
C VAL A 163 1.03 8.77 10.90
N LEU A 164 1.46 7.61 10.41
CA LEU A 164 2.56 6.87 11.03
C LEU A 164 3.89 7.45 10.53
N THR A 165 4.34 8.56 11.12
CA THR A 165 5.60 9.25 10.75
C THR A 165 6.81 8.48 11.29
N GLY A 166 6.62 7.78 12.41
CA GLY A 166 7.67 6.96 13.03
C GLY A 166 8.99 7.68 13.14
N VAL A 167 10.07 7.02 12.74
CA VAL A 167 11.44 7.61 12.71
C VAL A 167 11.61 8.27 11.34
N PHE A 168 12.01 9.54 11.33
CA PHE A 168 12.06 10.28 10.06
C PHE A 168 13.42 10.95 9.85
N THR A 169 13.67 11.28 8.60
CA THR A 169 14.89 11.95 8.11
C THR A 169 14.50 13.00 7.07
N LYS A 170 15.44 13.86 6.71
CA LYS A 170 15.21 14.87 5.68
C LYS A 170 15.01 14.18 4.33
N GLY A 171 13.99 14.59 3.60
CA GLY A 171 13.72 14.06 2.27
C GLY A 171 14.49 14.82 1.20
N ARG A 172 14.26 14.44 -0.05
CA ARG A 172 14.88 15.04 -1.25
CA ARG A 172 14.84 15.10 -1.24
C ARG A 172 14.07 14.62 -2.47
N ALA A 173 14.21 15.34 -3.57
CA ALA A 173 13.47 15.11 -4.81
C ALA A 173 13.79 13.71 -5.31
N GLY A 174 12.76 13.03 -5.81
CA GLY A 174 12.96 11.78 -6.55
C GLY A 174 12.93 10.52 -5.67
N LEU A 175 12.91 10.60 -4.34
CA LEU A 175 12.80 9.40 -3.45
C LEU A 175 11.53 8.64 -3.84
N VAL A 176 11.58 7.33 -3.94
CA VAL A 176 10.35 6.50 -4.10
C VAL A 176 10.02 5.76 -2.80
N THR A 177 10.98 5.66 -1.86
CA THR A 177 10.80 5.16 -0.47
C THR A 177 11.64 6.03 0.43
N PRO A 178 11.50 5.98 1.76
CA PRO A 178 12.41 6.73 2.62
C PRO A 178 13.80 6.11 2.46
N PRO A 179 14.86 6.87 2.80
CA PRO A 179 16.22 6.34 2.76
C PRO A 179 16.39 5.26 3.80
N PRO A 180 17.44 4.40 3.69
CA PRO A 180 17.81 3.52 4.79
C PRO A 180 18.33 4.27 6.01
N LYS A 181 18.15 3.71 7.23
CA LYS A 181 18.62 4.30 8.51
C LYS A 181 20.14 4.16 8.60
N ASN A 182 20.68 3.14 7.95
CA ASN A 182 22.13 2.86 7.79
C ASN A 182 22.31 2.27 6.41
N PRO A 183 23.07 2.91 5.49
CA PRO A 183 23.27 2.36 4.14
C PRO A 183 24.07 1.05 4.10
N HIS A 184 24.57 0.57 5.25
CA HIS A 184 25.14 -0.79 5.43
C HIS A 184 24.03 -1.85 5.43
N ASN A 185 22.83 -1.51 5.94
CA ASN A 185 21.60 -2.34 5.86
C ASN A 185 20.58 -1.60 5.01
N PRO A 186 20.64 -1.72 3.67
CA PRO A 186 19.89 -0.83 2.80
C PRO A 186 18.37 -1.09 2.77
N THR A 187 17.87 -2.12 3.45
CA THR A 187 16.40 -2.42 3.45
C THR A 187 15.75 -2.00 4.77
N ASP A 188 16.50 -1.57 5.77
CA ASP A 188 15.94 -1.10 7.06
C ASP A 188 15.71 0.41 6.95
N LEU A 189 14.48 0.83 6.65
CA LEU A 189 14.18 2.21 6.15
C LEU A 189 13.69 3.10 7.28
N PHE A 190 13.93 4.40 7.14
CA PHE A 190 13.13 5.42 7.86
C PHE A 190 11.65 5.21 7.53
N ASP A 191 10.76 5.66 8.40
CA ASP A 191 9.29 5.47 8.24
C ASP A 191 8.72 6.58 7.35
N SER A 192 9.32 7.77 7.38
CA SER A 192 8.84 8.92 6.60
C SER A 192 9.98 9.91 6.41
N VAL A 193 9.76 10.90 5.56
CA VAL A 193 10.74 12.01 5.42
C VAL A 193 10.02 13.32 5.72
N THR A 194 10.84 14.33 5.93
CA THR A 194 10.35 15.68 6.26
C THR A 194 11.21 16.73 5.56
N ASN A 195 10.75 17.97 5.64
CA ASN A 195 11.51 19.13 5.09
C ASN A 195 12.61 19.51 6.06
N ASN A 196 12.43 19.28 7.37
CA ASN A 196 13.32 19.83 8.43
C ASN A 196 13.19 18.94 9.67
N THR A 197 14.22 18.18 10.01
CA THR A 197 14.14 17.15 11.06
C THR A 197 13.95 17.83 12.42
N ARG A 198 14.62 18.97 12.62
CA ARG A 198 14.58 19.68 13.94
C ARG A 198 13.23 20.36 14.15
N SER A 199 12.63 20.90 13.10
CA SER A 199 11.37 21.69 13.17
C SER A 199 10.51 21.36 11.97
N PRO A 200 9.93 20.15 11.91
CA PRO A 200 9.23 19.72 10.70
C PRO A 200 7.94 20.50 10.45
N LYS A 201 7.61 20.78 9.18
CA LYS A 201 6.31 21.37 8.84
C LYS A 201 5.54 20.47 7.87
N LEU A 202 6.23 19.50 7.27
CA LEU A 202 5.52 18.52 6.41
C LEU A 202 6.18 17.17 6.59
N PHE A 203 5.41 16.13 6.31
CA PHE A 203 5.87 14.73 6.34
C PHE A 203 5.41 14.08 5.04
N VAL A 204 6.23 13.17 4.54
CA VAL A 204 5.88 12.41 3.33
C VAL A 204 5.95 10.93 3.70
N VAL A 205 4.89 10.20 3.35
CA VAL A 205 4.90 8.72 3.55
C VAL A 205 4.77 8.08 2.19
N PHE A 206 5.27 6.86 2.05
CA PHE A 206 5.52 6.26 0.72
C PHE A 206 4.79 4.94 0.57
N PHE A 207 3.96 4.58 1.53
CA PHE A 207 3.26 3.28 1.53
C PHE A 207 1.81 3.49 1.87
N ASP A 208 0.98 2.63 1.28
CA ASP A 208 -0.47 2.64 1.54
C ASP A 208 -0.66 2.31 3.02
N ASN A 209 -1.69 2.84 3.62
CA ASN A 209 -2.12 2.36 4.96
C ASN A 209 -1.10 2.84 6.00
N GLN A 210 -0.32 3.88 5.69
CA GLN A 210 0.47 4.61 6.70
C GLN A 210 -0.26 5.86 7.14
N ALA A 211 -1.46 6.12 6.61
CA ALA A 211 -2.23 7.35 6.86
C ALA A 211 -3.71 7.00 6.88
N TYR A 212 -4.42 7.38 7.94
CA TYR A 212 -5.87 7.12 8.09
C TYR A 212 -6.59 8.45 8.15
N PRO A 213 -7.45 8.77 7.16
CA PRO A 213 -8.18 10.03 7.14
C PRO A 213 -9.28 9.91 8.20
N GLU A 214 -9.15 10.67 9.29
CA GLU A 214 -10.04 10.54 10.46
C GLU A 214 -11.18 11.55 10.38
N TYR A 215 -10.91 12.79 10.00
CA TYR A 215 -11.97 13.84 9.89
C TYR A 215 -11.81 14.57 8.57
N LEU A 216 -12.93 15.05 8.04
CA LEU A 216 -13.00 15.94 6.87
C LEU A 216 -13.62 17.26 7.30
N ILE A 217 -12.85 18.33 7.15
CA ILE A 217 -13.33 19.71 7.45
C ILE A 217 -13.74 20.35 6.13
N THR A 218 -14.97 20.85 6.09
CA THR A 218 -15.47 21.67 4.97
C THR A 218 -15.50 23.11 5.48
N PHE A 219 -14.84 24.02 4.78
CA PHE A 219 -14.62 25.40 5.29
C PHE A 219 -14.52 26.40 4.14
N THR A 220 -14.53 27.69 4.50
CA THR A 220 -14.45 28.83 3.53
C THR A 220 -13.48 29.87 4.07
N ALA A 221 -12.87 30.63 3.16
CA ALA A 221 -11.90 31.70 3.50
C ALA A 221 -12.65 32.94 4.02
N ASN B 24 -0.64 -15.02 14.67
CA ASN B 24 -1.00 -16.39 14.19
C ASN B 24 -0.43 -16.60 12.79
N LEU B 25 0.87 -16.91 12.70
CA LEU B 25 1.57 -17.23 11.42
C LEU B 25 1.23 -18.67 11.03
N PRO B 26 1.41 -19.09 9.76
CA PRO B 26 1.06 -20.47 9.37
C PRO B 26 1.88 -21.52 10.13
N GLU B 27 1.25 -22.63 10.52
CA GLU B 27 1.82 -23.63 11.46
C GLU B 27 2.92 -24.46 10.79
N HIS B 28 2.96 -24.53 9.47
CA HIS B 28 4.01 -25.25 8.70
C HIS B 28 5.31 -24.43 8.65
N TRP B 29 5.28 -23.12 8.96
CA TRP B 29 6.51 -22.30 8.93
C TRP B 29 7.48 -22.80 10.00
N THR B 30 8.77 -22.68 9.74
CA THR B 30 9.84 -22.93 10.76
C THR B 30 9.66 -21.92 11.89
N ASP B 31 9.96 -22.33 13.12
CA ASP B 31 10.01 -21.43 14.30
C ASP B 31 11.09 -20.39 14.01
N MET B 32 10.74 -19.12 14.08
CA MET B 32 11.68 -18.01 13.82
C MET B 32 12.17 -17.42 15.15
N ASN B 33 11.71 -17.97 16.27
CA ASN B 33 12.28 -17.67 17.61
C ASN B 33 12.36 -16.14 17.73
N HIS B 34 11.20 -15.48 17.63
CA HIS B 34 10.99 -14.02 17.86
C HIS B 34 11.38 -13.17 16.63
N GLN B 35 12.14 -13.71 15.67
CA GLN B 35 12.54 -13.00 14.42
C GLN B 35 11.31 -12.81 13.51
N LEU B 36 11.31 -11.77 12.69
CA LEU B 36 10.14 -11.34 11.88
C LEU B 36 10.31 -11.81 10.43
N PHE B 37 11.45 -12.44 10.11
CA PHE B 37 11.80 -12.73 8.70
C PHE B 37 12.80 -13.87 8.62
N CYS B 38 12.60 -14.78 7.66
CA CYS B 38 13.53 -15.90 7.39
CA CYS B 38 13.65 -15.72 7.27
C CYS B 38 13.26 -16.42 5.96
N MET B 39 14.30 -16.86 5.28
CA MET B 39 14.20 -17.65 4.02
C MET B 39 14.50 -19.09 4.39
N VAL B 40 13.63 -20.02 4.03
CA VAL B 40 13.80 -21.47 4.32
C VAL B 40 14.05 -22.22 3.01
N GLN B 41 15.21 -22.86 2.93
CA GLN B 41 15.60 -23.69 1.78
C GLN B 41 14.78 -24.96 1.79
N LEU B 42 14.10 -25.27 0.70
CA LEU B 42 13.24 -26.45 0.58
C LEU B 42 14.06 -27.63 0.05
N GLU B 43 13.60 -28.83 0.37
CA GLU B 43 14.28 -30.11 0.00
C GLU B 43 13.54 -30.72 -1.17
N PRO B 44 14.24 -31.06 -2.27
CA PRO B 44 13.61 -31.80 -3.36
C PRO B 44 13.06 -33.12 -2.79
N GLY B 45 11.93 -33.55 -3.31
CA GLY B 45 11.23 -34.75 -2.79
C GLY B 45 10.10 -34.40 -1.82
N GLN B 46 10.23 -33.34 -1.03
CA GLN B 46 9.09 -32.70 -0.31
C GLN B 46 8.00 -32.33 -1.33
N SER B 47 6.72 -32.62 -1.05
CA SER B 47 5.58 -32.14 -1.87
C SER B 47 5.71 -30.62 -2.15
N GLU B 48 6.12 -29.87 -1.13
CA GLU B 48 6.16 -28.39 -1.19
C GLU B 48 7.14 -27.96 -2.30
N TYR B 49 8.34 -28.53 -2.33
CA TYR B 49 9.34 -28.26 -3.38
C TYR B 49 8.80 -28.75 -4.72
N ASN B 50 8.27 -29.98 -4.76
CA ASN B 50 7.89 -30.62 -6.03
C ASN B 50 6.76 -29.85 -6.70
N THR B 51 5.78 -29.33 -5.95
CA THR B 51 4.62 -28.62 -6.56
C THR B 51 5.15 -27.36 -7.27
N ILE B 52 6.06 -26.64 -6.64
CA ILE B 52 6.62 -25.40 -7.22
C ILE B 52 7.48 -25.76 -8.42
N LYS B 53 8.35 -26.76 -8.27
CA LYS B 53 9.19 -27.19 -9.41
C LYS B 53 8.26 -27.57 -10.57
N ASP B 54 7.20 -28.33 -10.33
CA ASP B 54 6.28 -28.75 -11.43
C ASP B 54 5.61 -27.53 -12.06
N LYS B 55 5.16 -26.58 -11.25
CA LYS B 55 4.43 -25.37 -11.75
C LYS B 55 5.37 -24.58 -12.66
N PHE B 56 6.65 -24.52 -12.29
CA PHE B 56 7.72 -23.84 -13.05
C PHE B 56 7.99 -24.60 -14.35
N THR B 57 8.19 -25.91 -14.25
CA THR B 57 8.71 -26.71 -15.40
C THR B 57 7.60 -26.89 -16.43
N ARG B 58 6.34 -26.67 -16.06
CA ARG B 58 5.22 -26.76 -17.02
C ARG B 58 5.54 -25.87 -18.24
N THR B 59 6.15 -24.70 -18.04
CA THR B 59 6.49 -23.77 -19.16
C THR B 59 7.98 -23.44 -19.22
N CYS B 60 8.81 -23.83 -18.24
CA CYS B 60 10.28 -23.53 -18.21
C CYS B 60 11.12 -24.82 -18.14
N SER B 61 10.78 -25.84 -18.92
CA SER B 61 11.51 -27.15 -18.95
C SER B 61 12.97 -26.99 -19.40
N SER B 62 13.34 -25.92 -20.11
CA SER B 62 14.71 -25.71 -20.66
C SER B 62 15.66 -25.18 -19.57
N TYR B 63 15.13 -24.60 -18.49
CA TYR B 63 15.94 -24.06 -17.38
C TYR B 63 16.05 -25.12 -16.29
N ALA B 64 17.01 -24.94 -15.40
CA ALA B 64 17.24 -25.86 -14.26
C ALA B 64 17.23 -25.08 -12.96
N ILE B 65 16.48 -25.55 -11.99
CA ILE B 65 16.36 -24.91 -10.65
C ILE B 65 17.60 -25.24 -9.81
N GLU B 66 18.22 -24.19 -9.28
CA GLU B 66 19.29 -24.30 -8.27
C GLU B 66 18.67 -24.59 -6.91
N LYS B 67 17.70 -23.78 -6.48
CA LYS B 67 17.07 -23.94 -5.15
C LYS B 67 15.75 -23.18 -5.12
N ILE B 68 14.89 -23.57 -4.20
CA ILE B 68 13.59 -22.90 -3.92
C ILE B 68 13.57 -22.58 -2.43
N GLU B 69 13.37 -21.31 -2.11
CA GLU B 69 13.33 -20.85 -0.71
C GLU B 69 11.90 -20.39 -0.39
N ARG B 70 11.37 -20.85 0.74
CA ARG B 70 10.11 -20.33 1.30
C ARG B 70 10.42 -19.01 2.00
N ILE B 71 9.64 -17.98 1.67
CA ILE B 71 9.79 -16.63 2.26
C ILE B 71 8.85 -16.53 3.44
N GLN B 72 9.42 -16.36 4.63
CA GLN B 72 8.64 -16.20 5.87
C GLN B 72 8.82 -14.76 6.33
N ASN B 73 7.87 -13.91 5.98
CA ASN B 73 7.92 -12.47 6.31
C ASN B 73 6.65 -12.15 7.10
N ALA B 74 6.76 -12.08 8.43
CA ALA B 74 5.61 -12.00 9.32
C ALA B 74 4.77 -10.76 9.00
N PHE B 75 5.40 -9.60 8.89
CA PHE B 75 4.66 -8.33 8.65
C PHE B 75 4.00 -8.32 7.28
N LEU B 76 4.69 -8.74 6.22
CA LEU B 76 4.05 -8.77 4.88
C LEU B 76 2.87 -9.75 4.93
N TRP B 77 3.03 -10.89 5.62
CA TRP B 77 1.96 -11.91 5.66
C TRP B 77 0.74 -11.31 6.36
N GLN B 78 0.95 -10.64 7.49
CA GLN B 78 -0.15 -10.05 8.28
C GLN B 78 -0.94 -9.06 7.41
N SER B 79 -0.24 -8.14 6.74
CA SER B 79 -0.88 -7.07 5.93
C SER B 79 -1.61 -7.70 4.76
N TYR B 80 -1.00 -8.68 4.09
CA TYR B 80 -1.64 -9.38 2.95
C TYR B 80 -2.90 -10.13 3.40
N GLN B 81 -2.81 -10.88 4.51
CA GLN B 81 -3.96 -11.67 5.01
C GLN B 81 -5.11 -10.74 5.42
N VAL B 82 -4.82 -9.57 5.96
CA VAL B 82 -5.91 -8.60 6.27
C VAL B 82 -6.60 -8.17 4.97
N LYS B 83 -5.81 -7.86 3.94
CA LYS B 83 -6.36 -7.47 2.61
CA LYS B 83 -6.37 -7.47 2.63
C LYS B 83 -7.16 -8.63 2.02
N LYS B 84 -6.67 -9.86 2.19
CA LYS B 84 -7.41 -11.02 1.63
C LYS B 84 -8.77 -11.18 2.33
N ARG B 85 -8.78 -11.04 3.66
CA ARG B 85 -10.02 -11.18 4.44
C ARG B 85 -11.01 -10.08 3.99
N GLN B 86 -10.52 -8.88 3.76
CA GLN B 86 -11.36 -7.75 3.29
C GLN B 86 -11.95 -8.06 1.91
N MET B 87 -11.14 -8.59 1.00
CA MET B 87 -11.62 -8.87 -0.38
C MET B 87 -12.59 -10.06 -0.34
N ASP B 88 -12.36 -11.00 0.57
CA ASP B 88 -13.24 -12.18 0.73
C ASP B 88 -14.61 -11.70 1.23
N ILE B 89 -14.65 -10.68 2.10
CA ILE B 89 -15.93 -10.13 2.62
C ILE B 89 -16.61 -9.37 1.48
N LYS B 90 -15.86 -8.51 0.79
CA LYS B 90 -16.42 -7.55 -0.19
C LYS B 90 -16.98 -8.31 -1.39
N ASN B 91 -16.25 -9.33 -1.85
CA ASN B 91 -16.62 -10.09 -3.06
C ASN B 91 -17.56 -11.23 -2.64
N ASP B 92 -18.33 -11.73 -3.59
CA ASP B 92 -19.43 -12.71 -3.33
C ASP B 92 -18.89 -14.14 -3.56
N HIS B 93 -18.29 -14.76 -2.53
CA HIS B 93 -17.75 -16.15 -2.57
C HIS B 93 -16.82 -16.35 -3.78
N LYS B 94 -16.05 -15.34 -4.14
CA LYS B 94 -15.08 -15.39 -5.28
C LYS B 94 -13.79 -16.06 -4.78
N ASN B 95 -13.12 -16.85 -5.61
CA ASN B 95 -11.69 -17.17 -5.37
C ASN B 95 -10.88 -15.94 -5.75
N ASN B 96 -10.49 -15.18 -4.75
CA ASN B 96 -9.81 -13.88 -4.95
C ASN B 96 -8.31 -14.04 -5.14
N GLU B 97 -7.73 -15.22 -4.89
CA GLU B 97 -6.26 -15.40 -4.83
C GLU B 97 -5.80 -16.34 -5.94
N ARG B 98 -4.76 -15.92 -6.67
CA ARG B 98 -4.09 -16.76 -7.68
C ARG B 98 -2.62 -16.87 -7.29
N LEU B 99 -1.99 -17.96 -7.69
CA LEU B 99 -0.56 -18.17 -7.44
C LEU B 99 0.15 -17.88 -8.75
N LEU B 100 0.95 -16.83 -8.77
CA LEU B 100 1.49 -16.27 -10.03
C LEU B 100 3.00 -16.11 -9.91
N PHE B 101 3.67 -15.75 -11.01
CA PHE B 101 5.14 -15.63 -11.07
C PHE B 101 5.54 -14.17 -11.23
N HIS B 102 6.71 -13.81 -10.74
CA HIS B 102 7.30 -12.46 -10.93
C HIS B 102 8.80 -12.58 -11.06
N GLY B 103 9.34 -12.31 -12.25
CA GLY B 103 10.80 -12.25 -12.46
C GLY B 103 11.37 -10.99 -11.86
N THR B 104 12.52 -11.08 -11.22
CA THR B 104 13.21 -9.94 -10.54
C THR B 104 14.70 -9.97 -10.92
N ASP B 105 15.35 -8.81 -10.92
CA ASP B 105 16.82 -8.71 -10.98
C ASP B 105 17.37 -8.99 -9.57
N ALA B 106 18.62 -9.45 -9.48
CA ALA B 106 19.30 -9.79 -8.20
C ALA B 106 19.30 -8.57 -7.26
N ASP B 107 19.50 -7.37 -7.80
CA ASP B 107 19.60 -6.13 -6.98
C ASP B 107 18.30 -5.88 -6.22
N SER B 108 17.15 -6.38 -6.69
CA SER B 108 15.81 -6.09 -6.11
C SER B 108 15.40 -7.15 -5.07
N VAL B 109 16.09 -8.29 -5.05
CA VAL B 109 15.65 -9.45 -4.21
C VAL B 109 15.65 -9.05 -2.73
N PRO B 110 16.70 -8.43 -2.14
CA PRO B 110 16.65 -8.08 -0.73
C PRO B 110 15.43 -7.21 -0.36
N TYR B 111 15.12 -6.23 -1.21
CA TYR B 111 14.00 -5.29 -0.96
C TYR B 111 12.68 -6.05 -1.04
N VAL B 112 12.46 -6.88 -2.06
CA VAL B 112 11.17 -7.62 -2.20
C VAL B 112 11.01 -8.60 -1.02
N ASN B 113 12.07 -9.30 -0.66
CA ASN B 113 12.03 -10.26 0.46
C ASN B 113 11.49 -9.57 1.71
N GLN B 114 11.95 -8.34 1.98
CA GLN B 114 11.61 -7.59 3.22
C GLN B 114 10.31 -6.79 3.04
N HIS B 115 10.08 -6.21 1.85
CA HIS B 115 9.07 -5.14 1.68
C HIS B 115 8.05 -5.46 0.60
N GLY B 116 8.21 -6.57 -0.11
CA GLY B 116 7.26 -6.99 -1.14
C GLY B 116 7.39 -6.13 -2.38
N PHE B 117 6.29 -6.00 -3.12
CA PHE B 117 6.27 -5.50 -4.50
C PHE B 117 5.78 -4.06 -4.49
N ASN B 118 6.65 -3.16 -4.93
CA ASN B 118 6.36 -1.73 -4.86
C ASN B 118 6.11 -1.23 -6.29
N ARG B 119 4.87 -0.81 -6.58
CA ARG B 119 4.46 -0.33 -7.93
C ARG B 119 5.35 0.85 -8.35
N SER B 120 5.86 1.61 -7.38
CA SER B 120 6.68 2.81 -7.65
C SER B 120 8.03 2.41 -8.25
N CYS B 121 8.41 1.13 -8.15
CA CYS B 121 9.74 0.60 -8.58
C CYS B 121 9.57 -0.18 -9.87
N ALA B 122 8.34 -0.40 -10.33
CA ALA B 122 8.01 -1.34 -11.44
C ALA B 122 8.51 -0.78 -12.77
N GLY B 123 9.05 -1.66 -13.62
CA GLY B 123 9.41 -1.32 -15.00
C GLY B 123 8.15 -1.12 -15.83
N LYS B 124 8.26 -0.43 -16.95
CA LYS B 124 7.17 -0.39 -17.95
C LYS B 124 7.22 -1.72 -18.69
N ASN B 125 6.09 -2.42 -18.79
CA ASN B 125 6.00 -3.74 -19.46
CA ASN B 125 6.10 -3.75 -19.45
C ASN B 125 6.00 -3.52 -20.97
N ALA B 126 6.49 -4.49 -21.75
CA ALA B 126 6.51 -4.37 -23.24
C ALA B 126 5.08 -4.18 -23.76
N VAL B 127 4.11 -4.81 -23.11
CA VAL B 127 2.67 -4.54 -23.39
C VAL B 127 2.05 -4.05 -22.09
N SER B 128 1.80 -2.76 -22.00
CA SER B 128 1.30 -2.16 -20.75
C SER B 128 -0.22 -2.21 -20.68
N TYR B 129 -0.75 -2.74 -19.56
CA TYR B 129 -2.18 -2.70 -19.21
C TYR B 129 -2.38 -1.88 -17.95
N GLY B 130 -1.43 -1.01 -17.66
CA GLY B 130 -1.49 -0.09 -16.51
C GLY B 130 -0.18 0.01 -15.79
N LYS B 131 -0.06 1.07 -14.97
CA LYS B 131 1.14 1.36 -14.16
C LYS B 131 0.98 0.68 -12.80
N GLY B 132 1.38 -0.58 -12.72
CA GLY B 132 1.37 -1.34 -11.45
C GLY B 132 2.37 -2.47 -11.49
N THR B 133 2.25 -3.39 -10.56
CA THR B 133 3.16 -4.56 -10.51
C THR B 133 2.52 -5.67 -11.34
N TYR B 134 3.33 -6.29 -12.21
CA TYR B 134 2.89 -7.33 -13.14
C TYR B 134 3.22 -8.71 -12.59
N PHE B 135 2.25 -9.61 -12.71
CA PHE B 135 2.38 -11.03 -12.30
C PHE B 135 1.92 -11.93 -13.44
N ALA B 136 2.70 -12.96 -13.71
CA ALA B 136 2.47 -13.85 -14.87
C ALA B 136 1.86 -15.17 -14.43
N VAL B 137 0.96 -15.68 -15.26
CA VAL B 137 0.39 -17.04 -15.06
C VAL B 137 1.47 -18.08 -15.36
N ASP B 138 2.23 -17.87 -16.43
CA ASP B 138 3.23 -18.86 -16.91
C ASP B 138 4.63 -18.43 -16.44
N ALA B 139 5.38 -19.34 -15.83
CA ALA B 139 6.79 -19.08 -15.45
C ALA B 139 7.59 -18.65 -16.68
N SER B 140 7.30 -19.18 -17.88
CA SER B 140 8.03 -18.83 -19.12
C SER B 140 8.03 -17.32 -19.36
N TYR B 141 6.97 -16.58 -19.02
CA TYR B 141 6.92 -15.10 -19.23
C TYR B 141 7.97 -14.46 -18.29
N SER B 142 7.90 -14.83 -17.02
CA SER B 142 8.80 -14.27 -15.98
C SER B 142 10.24 -14.69 -16.23
N ALA B 143 10.49 -15.81 -16.93
CA ALA B 143 11.85 -16.37 -17.17
C ALA B 143 12.59 -15.57 -18.26
N LYS B 144 11.90 -14.69 -18.96
CA LYS B 144 12.57 -13.80 -19.96
C LYS B 144 13.66 -12.99 -19.29
N ASP B 145 14.80 -12.81 -19.96
CA ASP B 145 15.95 -12.08 -19.38
C ASP B 145 15.52 -10.66 -19.02
N THR B 146 14.53 -10.09 -19.73
CA THR B 146 14.05 -8.71 -19.46
C THR B 146 13.51 -8.59 -18.02
N TYR B 147 12.95 -9.67 -17.46
CA TYR B 147 12.31 -9.67 -16.11
C TYR B 147 13.21 -10.32 -15.04
N SER B 148 13.68 -11.53 -15.30
CA SER B 148 14.61 -12.27 -14.41
C SER B 148 16.04 -12.12 -14.95
N LYS B 149 16.60 -10.92 -14.84
CA LYS B 149 17.91 -10.58 -15.43
C LYS B 149 18.95 -11.51 -14.85
N PRO B 150 19.72 -12.25 -15.67
CA PRO B 150 20.83 -13.05 -15.15
C PRO B 150 21.82 -12.17 -14.39
N ASP B 151 22.22 -12.61 -13.19
CA ASP B 151 23.21 -11.89 -12.36
C ASP B 151 24.62 -12.21 -12.91
N SER B 152 25.65 -11.65 -12.29
CA SER B 152 27.06 -11.82 -12.72
C SER B 152 27.49 -13.30 -12.71
N ASN B 153 26.75 -14.19 -12.04
CA ASN B 153 27.03 -15.65 -11.93
C ASN B 153 26.06 -16.46 -12.80
N GLY B 154 25.25 -15.77 -13.61
CA GLY B 154 24.30 -16.44 -14.52
C GLY B 154 23.09 -16.99 -13.78
N ARG B 155 22.83 -16.51 -12.58
CA ARG B 155 21.61 -16.94 -11.82
C ARG B 155 20.47 -15.98 -12.15
N LYS B 156 19.31 -16.56 -12.42
CA LYS B 156 18.03 -15.85 -12.64
C LYS B 156 17.13 -16.11 -11.42
N HIS B 157 16.26 -15.15 -11.12
CA HIS B 157 15.44 -15.17 -9.89
C HIS B 157 13.98 -14.90 -10.25
N MET B 158 13.10 -15.74 -9.76
CA MET B 158 11.65 -15.60 -10.00
C MET B 158 10.94 -15.87 -8.67
N TYR B 159 10.03 -14.97 -8.30
CA TYR B 159 9.14 -15.22 -7.15
C TYR B 159 7.90 -15.99 -7.58
N VAL B 160 7.38 -16.80 -6.65
CA VAL B 160 6.03 -17.40 -6.74
C VAL B 160 5.22 -16.67 -5.68
N VAL B 161 4.11 -16.09 -6.11
CA VAL B 161 3.45 -14.97 -5.37
C VAL B 161 1.97 -15.27 -5.23
N ARG B 162 1.44 -15.15 -4.01
CA ARG B 162 -0.01 -15.15 -3.78
C ARG B 162 -0.49 -13.75 -4.12
N VAL B 163 -1.36 -13.67 -5.11
CA VAL B 163 -1.86 -12.36 -5.62
C VAL B 163 -3.37 -12.28 -5.47
N LEU B 164 -3.84 -11.17 -4.91
CA LEU B 164 -5.30 -10.93 -4.76
C LEU B 164 -5.81 -10.32 -6.07
N THR B 165 -6.07 -11.18 -7.07
CA THR B 165 -6.63 -10.76 -8.37
C THR B 165 -8.09 -10.36 -8.24
N GLY B 166 -8.83 -10.97 -7.31
CA GLY B 166 -10.23 -10.60 -7.09
C GLY B 166 -11.04 -10.61 -8.37
N VAL B 167 -11.86 -9.56 -8.53
CA VAL B 167 -12.69 -9.34 -9.75
C VAL B 167 -11.88 -8.44 -10.66
N PHE B 168 -11.68 -8.88 -11.90
CA PHE B 168 -10.75 -8.18 -12.80
C PHE B 168 -11.40 -7.92 -14.15
N THR B 169 -10.78 -7.00 -14.87
CA THR B 169 -11.17 -6.60 -16.24
C THR B 169 -9.91 -6.37 -17.07
N LYS B 170 -10.06 -6.25 -18.38
CA LYS B 170 -8.92 -5.92 -19.25
C LYS B 170 -8.41 -4.53 -18.91
N GLY B 171 -7.12 -4.42 -18.68
CA GLY B 171 -6.50 -3.15 -18.30
C GLY B 171 -6.27 -2.25 -19.49
N ARG B 172 -5.68 -1.10 -19.23
CA ARG B 172 -5.27 -0.14 -20.31
CA ARG B 172 -5.35 -0.06 -20.26
C ARG B 172 -4.07 0.65 -19.81
N ALA B 173 -3.20 1.05 -20.74
CA ALA B 173 -1.88 1.62 -20.41
C ALA B 173 -2.02 2.84 -19.49
N GLY B 174 -3.08 3.62 -19.60
CA GLY B 174 -3.20 4.86 -18.79
C GLY B 174 -3.43 4.63 -17.29
N LEU B 175 -3.83 3.44 -16.84
CA LEU B 175 -4.33 3.23 -15.44
C LEU B 175 -3.23 3.45 -14.39
N VAL B 176 -3.55 4.18 -13.32
CA VAL B 176 -2.70 4.23 -12.08
C VAL B 176 -3.40 3.53 -10.90
N THR B 177 -4.70 3.25 -11.04
CA THR B 177 -5.54 2.41 -10.14
C THR B 177 -6.38 1.49 -11.03
N PRO B 178 -6.98 0.39 -10.53
CA PRO B 178 -7.87 -0.38 -11.37
C PRO B 178 -9.06 0.53 -11.66
N PRO B 179 -9.75 0.27 -12.78
CA PRO B 179 -10.83 1.13 -13.19
C PRO B 179 -12.06 0.82 -12.36
N PRO B 180 -13.03 1.73 -12.36
CA PRO B 180 -14.31 1.47 -11.71
C PRO B 180 -15.07 0.37 -12.46
N LYS B 181 -15.88 -0.37 -11.72
CA LYS B 181 -16.80 -1.38 -12.32
C LYS B 181 -17.91 -0.66 -13.10
N ASN B 182 -18.23 0.55 -12.65
CA ASN B 182 -19.42 1.31 -13.12
C ASN B 182 -19.00 2.76 -13.24
N PRO B 183 -19.10 3.37 -14.44
CA PRO B 183 -18.64 4.74 -14.67
C PRO B 183 -19.33 5.80 -13.80
N HIS B 184 -20.54 5.50 -13.31
CA HIS B 184 -21.33 6.42 -12.48
C HIS B 184 -21.03 6.18 -11.00
N ASN B 185 -20.12 5.27 -10.67
CA ASN B 185 -19.66 5.07 -9.26
C ASN B 185 -18.15 4.92 -9.27
N PRO B 186 -17.41 6.03 -9.46
CA PRO B 186 -15.98 5.99 -9.73
C PRO B 186 -15.11 5.36 -8.63
N THR B 187 -15.62 5.21 -7.40
CA THR B 187 -14.80 4.72 -6.25
C THR B 187 -14.96 3.23 -6.04
N ASP B 188 -15.86 2.54 -6.75
CA ASP B 188 -16.10 1.09 -6.55
C ASP B 188 -15.31 0.34 -7.64
N LEU B 189 -14.11 -0.14 -7.29
CA LEU B 189 -13.06 -0.54 -8.26
C LEU B 189 -13.04 -2.05 -8.46
N PHE B 190 -12.64 -2.43 -9.68
CA PHE B 190 -12.05 -3.76 -9.92
C PHE B 190 -10.86 -3.95 -8.99
N ASP B 191 -10.57 -5.20 -8.61
CA ASP B 191 -9.42 -5.52 -7.73
C ASP B 191 -8.09 -5.52 -8.49
N SER B 192 -8.11 -5.91 -9.76
CA SER B 192 -6.89 -5.98 -10.60
C SER B 192 -7.29 -5.90 -12.06
N VAL B 193 -6.33 -5.82 -12.95
CA VAL B 193 -6.60 -5.87 -14.40
C VAL B 193 -5.73 -6.95 -15.02
N THR B 194 -6.13 -7.36 -16.21
CA THR B 194 -5.45 -8.43 -16.96
C THR B 194 -5.26 -8.00 -18.42
N ASN B 195 -4.55 -8.83 -19.19
CA ASN B 195 -4.32 -8.61 -20.63
C ASN B 195 -5.55 -9.08 -21.42
N ASN B 196 -6.30 -10.06 -20.90
CA ASN B 196 -7.43 -10.72 -21.62
C ASN B 196 -8.31 -11.44 -20.60
N THR B 197 -9.58 -11.08 -20.43
CA THR B 197 -10.45 -11.67 -19.37
C THR B 197 -10.79 -13.13 -19.70
N ARG B 198 -10.92 -13.46 -20.98
CA ARG B 198 -11.27 -14.82 -21.47
C ARG B 198 -10.10 -15.77 -21.21
N SER B 199 -8.86 -15.31 -21.41
CA SER B 199 -7.64 -16.15 -21.27
C SER B 199 -6.53 -15.32 -20.62
N PRO B 200 -6.64 -15.03 -19.32
CA PRO B 200 -5.67 -14.16 -18.65
C PRO B 200 -4.30 -14.81 -18.62
N LYS B 201 -3.25 -14.04 -18.94
CA LYS B 201 -1.86 -14.52 -18.85
C LYS B 201 -1.04 -13.58 -17.95
N LEU B 202 -1.54 -12.38 -17.69
CA LEU B 202 -0.88 -11.50 -16.73
C LEU B 202 -1.91 -10.75 -15.92
N PHE B 203 -1.51 -10.34 -14.72
CA PHE B 203 -2.38 -9.55 -13.83
C PHE B 203 -1.55 -8.38 -13.36
N VAL B 204 -2.22 -7.26 -13.16
CA VAL B 204 -1.59 -6.02 -12.67
C VAL B 204 -2.31 -5.61 -11.41
N VAL B 205 -1.55 -5.32 -10.36
CA VAL B 205 -2.16 -4.83 -9.10
C VAL B 205 -1.54 -3.48 -8.82
N PHE B 206 -2.31 -2.65 -8.14
CA PHE B 206 -2.02 -1.20 -8.00
C PHE B 206 -1.90 -0.80 -6.54
N PHE B 207 -1.95 -1.76 -5.61
CA PHE B 207 -1.88 -1.43 -4.17
C PHE B 207 -0.88 -2.31 -3.42
N ASP B 208 -0.34 -1.75 -2.34
CA ASP B 208 0.59 -2.46 -1.44
C ASP B 208 -0.20 -3.59 -0.77
N ASN B 209 0.51 -4.66 -0.48
CA ASN B 209 -0.01 -5.77 0.37
C ASN B 209 -1.13 -6.48 -0.39
N GLN B 210 -1.13 -6.40 -1.74
CA GLN B 210 -2.06 -7.18 -2.58
C GLN B 210 -1.36 -8.43 -3.13
N ALA B 211 -0.08 -8.60 -2.81
CA ALA B 211 0.77 -9.68 -3.35
C ALA B 211 1.77 -10.06 -2.27
N TYR B 212 1.82 -11.33 -1.93
CA TYR B 212 2.74 -11.87 -0.91
C TYR B 212 3.78 -12.73 -1.62
N PRO B 213 5.07 -12.37 -1.55
CA PRO B 213 6.14 -13.17 -2.14
C PRO B 213 6.34 -14.43 -1.28
N GLU B 214 5.93 -15.57 -1.80
CA GLU B 214 5.84 -16.82 -1.02
C GLU B 214 7.08 -17.68 -1.22
N TYR B 215 7.58 -17.80 -2.45
CA TYR B 215 8.78 -18.61 -2.75
C TYR B 215 9.69 -17.80 -3.66
N LEU B 216 11.00 -18.03 -3.53
CA LEU B 216 11.99 -17.49 -4.47
C LEU B 216 12.66 -18.67 -5.16
N ILE B 217 12.53 -18.73 -6.47
CA ILE B 217 13.21 -19.76 -7.29
C ILE B 217 14.50 -19.13 -7.81
N THR B 218 15.63 -19.79 -7.54
CA THR B 218 16.93 -19.43 -8.16
C THR B 218 17.17 -20.46 -9.26
N PHE B 219 17.47 -20.04 -10.48
CA PHE B 219 17.58 -21.01 -11.60
C PHE B 219 18.61 -20.51 -12.63
N THR B 220 19.03 -21.44 -13.48
CA THR B 220 20.10 -21.22 -14.49
C THR B 220 19.67 -21.86 -15.79
N ALA B 221 20.33 -21.46 -16.88
CA ALA B 221 20.28 -22.16 -18.20
C ALA B 221 20.97 -23.51 -18.08
#